data_3IBC
#
_entry.id   3IBC
#
_cell.length_a   88.248
_cell.length_b   88.248
_cell.length_c   188.150
_cell.angle_alpha   90.00
_cell.angle_beta   90.00
_cell.angle_gamma   120.00
#
_symmetry.space_group_name_H-M   'P 32 2 1'
#
loop_
_entity.id
_entity.type
_entity.pdbx_description
1 polymer Caspase-7
2 polymer Caspase-7
3 polymer Acetyl-YVAD-CHO
4 water water
#
loop_
_entity_poly.entity_id
_entity_poly.type
_entity_poly.pdbx_seq_one_letter_code
_entity_poly.pdbx_strand_id
1 'polypeptide(L)'
;AKPDRSSFVPSLFSKKKKNVTMRSIKTTRDRVPTYQYNMNFEKLGKCIIINNKNFDKVTGMGVRNGTDKDAEALFKCFRS
LGFDVIVYNDCSCAKMQDLLKKASEEDHTNAACFACILLSHGEENVIYGKDGVTPIKDLTAHFRGDRCKTLLEKPKLFFI
QACRGTELDDGIQ
;
A,C
2 'polypeptide(L)'
;ANPRYKIPVEADFLFAYSTVPGYYSWRSPGRGSWFVQALCSILEEHGKDLEIMQILTRVNDRVARHFESQSDDPHFHEKK
QIPCVVSMLTKELYFSQ
;
B,D
3 'polypeptide(L)' (ACE)YVAD E,F
#
loop_
_chem_comp.id
_chem_comp.type
_chem_comp.name
_chem_comp.formula
ACE non-polymer 'ACETYL GROUP' 'C2 H4 O'
#
# COMPACT_ATOMS: atom_id res chain seq x y z
N THR A 34 2.40 3.33 -23.11
CA THR A 34 1.46 2.18 -23.25
C THR A 34 1.01 1.68 -21.87
N TYR A 35 1.69 0.65 -21.39
CA TYR A 35 1.41 0.04 -20.09
C TYR A 35 2.56 0.15 -19.13
N GLN A 36 3.61 0.86 -19.52
CA GLN A 36 4.77 1.00 -18.66
C GLN A 36 5.28 2.42 -18.66
N TYR A 37 5.96 2.80 -17.59
CA TYR A 37 6.50 4.15 -17.52
C TYR A 37 7.61 4.33 -18.53
N ASN A 38 7.59 5.45 -19.24
CA ASN A 38 8.61 5.75 -20.22
C ASN A 38 9.94 5.99 -19.48
N MET A 39 10.92 5.14 -19.75
CA MET A 39 12.22 5.26 -19.13
C MET A 39 13.24 5.86 -20.09
N ASN A 40 12.75 6.52 -21.12
CA ASN A 40 13.62 7.10 -22.12
C ASN A 40 13.98 8.55 -21.80
N PHE A 41 15.00 8.73 -20.95
CA PHE A 41 15.47 10.05 -20.54
C PHE A 41 17.00 10.03 -20.35
N GLU A 42 17.61 11.21 -20.46
CA GLU A 42 19.06 11.33 -20.29
C GLU A 42 19.47 10.76 -18.94
N LYS A 43 18.70 11.09 -17.90
CA LYS A 43 19.00 10.59 -16.56
C LYS A 43 17.88 9.68 -16.06
N LEU A 44 18.24 8.74 -15.17
CA LEU A 44 17.25 7.86 -14.60
C LEU A 44 16.51 8.66 -13.54
N GLY A 45 17.28 9.37 -12.74
CA GLY A 45 16.72 10.20 -11.70
C GLY A 45 17.64 10.39 -10.51
N LYS A 46 17.28 11.32 -9.63
CA LYS A 46 18.06 11.59 -8.44
C LYS A 46 17.58 10.68 -7.33
N CYS A 47 18.53 10.13 -6.59
CA CYS A 47 18.17 9.29 -5.47
C CYS A 47 18.72 9.92 -4.20
N ILE A 48 17.83 10.34 -3.32
CA ILE A 48 18.25 10.94 -2.07
C ILE A 48 18.24 9.89 -0.98
N ILE A 49 19.36 9.80 -0.26
CA ILE A 49 19.47 8.85 0.83
C ILE A 49 19.75 9.57 2.14
N ILE A 50 18.74 9.62 3.01
CA ILE A 50 18.91 10.27 4.32
C ILE A 50 19.23 9.20 5.35
N ASN A 51 20.44 9.27 5.89
CA ASN A 51 20.93 8.31 6.85
C ASN A 51 21.18 8.87 8.25
N ASN A 52 20.16 8.80 9.10
CA ASN A 52 20.28 9.30 10.47
C ASN A 52 20.73 8.19 11.41
N LYS A 53 21.95 8.32 11.93
CA LYS A 53 22.53 7.34 12.83
C LYS A 53 22.68 7.83 14.26
N ASN A 54 22.96 9.13 14.42
CA ASN A 54 23.14 9.72 15.73
C ASN A 54 22.06 10.75 15.98
N PHE A 55 21.36 10.62 17.11
CA PHE A 55 20.29 11.55 17.43
C PHE A 55 20.58 12.40 18.66
N ASP A 56 19.94 13.57 18.71
CA ASP A 56 20.11 14.49 19.83
C ASP A 56 19.73 13.86 21.15
N LYS A 57 20.53 14.19 22.16
CA LYS A 57 20.37 13.72 23.52
C LYS A 57 18.91 13.88 23.98
N VAL A 58 18.30 15.00 23.59
CA VAL A 58 16.91 15.29 23.93
C VAL A 58 15.90 14.29 23.37
N THR A 59 16.06 13.89 22.12
CA THR A 59 15.15 12.94 21.48
C THR A 59 15.05 11.62 22.24
N GLY A 60 16.10 11.29 22.99
CA GLY A 60 16.09 10.06 23.77
C GLY A 60 16.21 8.80 22.95
N MET A 61 16.53 8.94 21.66
CA MET A 61 16.67 7.78 20.79
C MET A 61 18.12 7.31 20.72
N GLY A 62 18.31 6.00 20.81
CA GLY A 62 19.66 5.46 20.76
C GLY A 62 20.33 5.58 19.41
N VAL A 63 21.56 5.06 19.33
CA VAL A 63 22.32 5.10 18.10
C VAL A 63 21.96 3.92 17.20
N ARG A 64 21.63 4.24 15.94
CA ARG A 64 21.24 3.23 14.96
C ARG A 64 22.46 2.58 14.32
N ASN A 65 23.17 1.76 15.09
CA ASN A 65 24.36 1.08 14.58
C ASN A 65 24.00 0.12 13.48
N GLY A 66 24.82 0.11 12.43
CA GLY A 66 24.56 -0.76 11.29
C GLY A 66 23.90 0.02 10.17
N THR A 67 23.35 1.18 10.51
CA THR A 67 22.68 2.01 9.52
C THR A 67 23.63 2.43 8.41
N ASP A 68 24.92 2.44 8.71
CA ASP A 68 25.91 2.80 7.71
C ASP A 68 26.13 1.63 6.77
N LYS A 69 26.05 0.42 7.32
CA LYS A 69 26.22 -0.77 6.52
C LYS A 69 25.12 -0.81 5.46
N ASP A 70 23.93 -0.35 5.83
CA ASP A 70 22.82 -0.33 4.90
C ASP A 70 23.05 0.74 3.85
N ALA A 71 23.22 1.98 4.31
CA ALA A 71 23.43 3.12 3.42
C ALA A 71 24.43 2.81 2.32
N GLU A 72 25.56 2.22 2.67
CA GLU A 72 26.56 1.91 1.67
C GLU A 72 25.97 0.92 0.67
N ALA A 73 25.29 -0.11 1.18
CA ALA A 73 24.66 -1.12 0.32
C ALA A 73 23.62 -0.49 -0.59
N LEU A 74 22.78 0.37 -0.01
CA LEU A 74 21.76 1.06 -0.78
C LEU A 74 22.42 1.96 -1.80
N PHE A 75 23.49 2.65 -1.40
CA PHE A 75 24.17 3.54 -2.31
C PHE A 75 24.64 2.76 -3.54
N LYS A 76 25.36 1.67 -3.31
CA LYS A 76 25.85 0.85 -4.40
C LYS A 76 24.71 0.32 -5.26
N CYS A 77 23.64 -0.15 -4.63
CA CYS A 77 22.50 -0.69 -5.36
C CYS A 77 21.83 0.29 -6.28
N PHE A 78 21.42 1.42 -5.74
CA PHE A 78 20.75 2.42 -6.55
C PHE A 78 21.66 3.04 -7.61
N ARG A 79 22.95 3.14 -7.32
CA ARG A 79 23.89 3.68 -8.27
C ARG A 79 23.89 2.74 -9.49
N SER A 80 23.89 1.45 -9.21
CA SER A 80 23.88 0.40 -10.25
C SER A 80 22.67 0.44 -11.15
N LEU A 81 21.54 0.90 -10.63
CA LEU A 81 20.33 0.98 -11.43
C LEU A 81 20.46 2.18 -12.35
N GLY A 82 21.25 3.16 -11.92
CA GLY A 82 21.47 4.35 -12.72
C GLY A 82 21.06 5.64 -12.03
N PHE A 83 20.87 5.60 -10.72
CA PHE A 83 20.47 6.80 -9.98
C PHE A 83 21.67 7.67 -9.63
N ASP A 84 21.46 8.97 -9.66
CA ASP A 84 22.51 9.92 -9.29
C ASP A 84 22.18 10.09 -7.82
N VAL A 85 22.82 9.29 -6.99
CA VAL A 85 22.54 9.30 -5.57
C VAL A 85 23.50 10.07 -4.68
N ILE A 86 22.92 10.81 -3.75
CA ILE A 86 23.67 11.60 -2.77
C ILE A 86 23.13 11.21 -1.40
N VAL A 87 24.03 11.07 -0.42
CA VAL A 87 23.63 10.67 0.92
C VAL A 87 23.77 11.79 1.96
N TYR A 88 22.76 11.95 2.80
CA TYR A 88 22.77 12.96 3.84
C TYR A 88 22.74 12.26 5.20
N ASN A 89 23.62 12.68 6.10
CA ASN A 89 23.73 12.04 7.41
C ASN A 89 23.23 12.87 8.59
N ASP A 90 22.62 12.17 9.55
CA ASP A 90 22.08 12.76 10.77
C ASP A 90 21.49 14.14 10.49
N CYS A 91 20.31 14.17 9.87
CA CYS A 91 19.69 15.43 9.53
C CYS A 91 18.63 15.87 10.51
N SER A 92 18.56 17.17 10.76
CA SER A 92 17.57 17.72 11.66
C SER A 92 16.28 17.66 10.87
N CYS A 93 15.15 17.74 11.54
CA CYS A 93 13.88 17.70 10.82
C CYS A 93 13.85 18.81 9.79
N ALA A 94 14.31 19.98 10.21
CA ALA A 94 14.37 21.14 9.33
C ALA A 94 15.17 20.77 8.09
N LYS A 95 16.34 20.19 8.32
CA LYS A 95 17.24 19.78 7.25
C LYS A 95 16.52 18.90 6.23
N MET A 96 15.97 17.79 6.71
CA MET A 96 15.25 16.86 5.86
C MET A 96 14.16 17.58 5.08
N GLN A 97 13.41 18.45 5.76
CA GLN A 97 12.36 19.19 5.09
C GLN A 97 12.96 20.05 4.01
N ASP A 98 14.04 20.74 4.37
CA ASP A 98 14.74 21.62 3.44
C ASP A 98 15.17 20.88 2.18
N LEU A 99 15.89 19.78 2.37
CA LEU A 99 16.36 18.96 1.26
C LEU A 99 15.26 18.53 0.32
N LEU A 100 14.28 17.80 0.84
CA LEU A 100 13.16 17.34 0.03
C LEU A 100 12.48 18.49 -0.68
N LYS A 101 12.42 19.66 -0.05
CA LYS A 101 11.78 20.80 -0.69
C LYS A 101 12.60 21.31 -1.87
N LYS A 102 13.89 21.56 -1.63
CA LYS A 102 14.79 22.02 -2.68
C LYS A 102 14.75 21.06 -3.85
N ALA A 103 14.90 19.77 -3.55
CA ALA A 103 14.90 18.74 -4.59
C ALA A 103 13.63 18.76 -5.43
N SER A 104 12.49 18.97 -4.78
CA SER A 104 11.23 18.99 -5.51
C SER A 104 11.22 20.22 -6.43
N GLU A 105 12.01 21.23 -6.08
CA GLU A 105 12.07 22.44 -6.87
C GLU A 105 13.15 22.39 -7.96
N GLU A 106 13.93 21.32 -7.98
CA GLU A 106 14.95 21.17 -9.01
C GLU A 106 14.24 20.87 -10.33
N ASP A 107 14.97 20.85 -11.43
CA ASP A 107 14.31 20.56 -12.72
C ASP A 107 14.50 19.10 -13.12
N HIS A 108 13.40 18.35 -13.05
CA HIS A 108 13.43 16.93 -13.37
C HIS A 108 12.98 16.62 -14.78
N THR A 109 13.01 17.62 -15.65
CA THR A 109 12.57 17.44 -17.03
C THR A 109 13.27 16.30 -17.77
N ASN A 110 14.54 16.06 -17.48
CA ASN A 110 15.26 14.99 -18.15
C ASN A 110 15.46 13.74 -17.31
N ALA A 111 14.69 13.64 -16.23
CA ALA A 111 14.78 12.50 -15.33
C ALA A 111 13.62 11.56 -15.55
N ALA A 112 13.87 10.27 -15.48
CA ALA A 112 12.82 9.28 -15.68
C ALA A 112 11.94 9.19 -14.43
N CYS A 113 12.52 9.49 -13.27
CA CYS A 113 11.78 9.41 -12.02
C CYS A 113 12.60 9.95 -10.85
N PHE A 114 12.01 9.89 -9.66
CA PHE A 114 12.68 10.36 -8.44
C PHE A 114 12.61 9.29 -7.37
N ALA A 115 13.65 9.22 -6.54
CA ALA A 115 13.67 8.24 -5.47
C ALA A 115 14.29 8.80 -4.21
N CYS A 116 13.64 8.54 -3.08
CA CYS A 116 14.14 8.99 -1.78
C CYS A 116 14.12 7.81 -0.81
N ILE A 117 15.20 7.69 -0.05
CA ILE A 117 15.33 6.62 0.93
C ILE A 117 15.55 7.21 2.30
N LEU A 118 14.79 6.71 3.28
CA LEU A 118 14.90 7.19 4.65
C LEU A 118 15.30 6.09 5.63
N LEU A 119 16.41 6.31 6.33
CA LEU A 119 16.92 5.36 7.31
C LEU A 119 17.03 6.10 8.65
N SER A 120 16.09 5.86 9.55
CA SER A 120 16.11 6.55 10.83
C SER A 120 15.21 5.87 11.85
N HIS A 121 14.91 6.60 12.93
CA HIS A 121 14.02 6.11 13.96
C HIS A 121 12.67 6.61 13.53
N GLY A 122 11.62 5.85 13.83
CA GLY A 122 10.32 6.32 13.43
C GLY A 122 9.22 5.76 14.29
N GLU A 123 8.03 6.32 14.09
CA GLU A 123 6.86 5.89 14.81
C GLU A 123 5.70 6.08 13.82
N GLU A 124 4.52 5.64 14.22
CA GLU A 124 3.33 5.76 13.38
C GLU A 124 3.24 7.10 12.68
N ASN A 125 3.41 7.10 11.35
CA ASN A 125 3.30 8.31 10.53
C ASN A 125 4.42 9.34 10.62
N VAL A 126 5.38 9.13 11.50
CA VAL A 126 6.47 10.09 11.64
C VAL A 126 7.85 9.45 11.57
N ILE A 127 8.83 10.29 11.21
CA ILE A 127 10.21 9.86 11.11
C ILE A 127 11.03 10.81 11.98
N TYR A 128 12.11 10.31 12.55
CA TYR A 128 12.95 11.11 13.42
C TYR A 128 14.07 11.83 12.70
N GLY A 129 14.30 13.05 13.13
CA GLY A 129 15.41 13.85 12.63
C GLY A 129 16.36 13.66 13.79
N LYS A 130 17.49 14.35 13.83
CA LYS A 130 18.37 14.16 14.98
C LYS A 130 17.80 15.00 16.12
N ASP A 131 17.08 16.05 15.75
CA ASP A 131 16.49 16.94 16.75
C ASP A 131 15.07 16.56 17.19
N GLY A 132 14.40 15.68 16.45
CA GLY A 132 13.05 15.28 16.82
C GLY A 132 12.34 14.42 15.80
N VAL A 133 11.07 14.71 15.53
CA VAL A 133 10.34 13.94 14.53
C VAL A 133 9.59 14.86 13.59
N THR A 134 9.27 14.34 12.42
CA THR A 134 8.54 15.10 11.41
C THR A 134 7.65 14.13 10.64
N PRO A 135 6.45 14.58 10.23
CA PRO A 135 5.47 13.79 9.48
C PRO A 135 5.95 13.39 8.09
N ILE A 136 5.92 12.11 7.82
CA ILE A 136 6.34 11.61 6.54
C ILE A 136 5.56 12.27 5.42
N LYS A 137 4.27 12.51 5.66
CA LYS A 137 3.41 13.13 4.66
C LYS A 137 3.91 14.52 4.26
N ASP A 138 4.58 15.20 5.18
CA ASP A 138 5.11 16.54 4.89
C ASP A 138 6.37 16.48 4.03
N LEU A 139 7.15 15.43 4.24
CA LEU A 139 8.38 15.23 3.48
C LEU A 139 8.04 14.86 2.03
N THR A 140 7.00 14.05 1.86
CA THR A 140 6.59 13.61 0.54
C THR A 140 5.63 14.53 -0.21
N ALA A 141 4.87 15.35 0.53
CA ALA A 141 3.90 16.26 -0.09
C ALA A 141 4.50 17.16 -1.17
N HIS A 142 5.74 17.58 -0.95
CA HIS A 142 6.46 18.45 -1.86
C HIS A 142 6.45 17.96 -3.30
N PHE A 143 6.32 16.64 -3.47
CA PHE A 143 6.35 16.09 -4.81
C PHE A 143 5.02 15.84 -5.47
N ARG A 144 3.97 16.45 -4.95
CA ARG A 144 2.66 16.29 -5.55
C ARG A 144 2.70 16.96 -6.93
N GLY A 145 1.90 16.46 -7.85
CA GLY A 145 1.87 17.01 -9.20
C GLY A 145 1.67 18.51 -9.24
N ASP A 146 0.80 18.99 -8.37
CA ASP A 146 0.49 20.41 -8.28
C ASP A 146 1.62 21.19 -7.61
N ARG A 147 2.70 20.50 -7.23
CA ARG A 147 3.81 21.16 -6.55
C ARG A 147 5.18 20.81 -7.11
N CYS A 148 5.22 19.92 -8.10
CA CYS A 148 6.46 19.52 -8.73
C CYS A 148 6.14 19.01 -10.14
N LYS A 149 5.91 19.97 -11.04
CA LYS A 149 5.57 19.67 -12.41
C LYS A 149 6.57 18.78 -13.13
N THR A 150 7.85 19.08 -13.01
CA THR A 150 8.90 18.31 -13.68
C THR A 150 8.86 16.81 -13.42
N LEU A 151 8.14 16.40 -12.38
CA LEU A 151 8.00 14.99 -12.04
C LEU A 151 6.58 14.46 -12.26
N LEU A 152 5.74 15.32 -12.83
CA LEU A 152 4.37 14.97 -13.12
C LEU A 152 4.31 13.79 -14.10
N GLU A 153 3.55 12.76 -13.75
CA GLU A 153 3.41 11.56 -14.57
C GLU A 153 4.63 10.66 -14.54
N LYS A 154 5.52 10.91 -13.58
CA LYS A 154 6.73 10.12 -13.45
C LYS A 154 6.68 9.49 -12.07
N PRO A 155 7.18 8.25 -11.93
CA PRO A 155 7.17 7.60 -10.63
C PRO A 155 8.04 8.30 -9.58
N LYS A 156 7.49 8.44 -8.37
CA LYS A 156 8.18 9.06 -7.25
C LYS A 156 8.27 7.97 -6.20
N LEU A 157 9.48 7.48 -5.94
CA LEU A 157 9.66 6.40 -5.00
C LEU A 157 10.28 6.74 -3.66
N PHE A 158 9.62 6.26 -2.61
CA PHE A 158 10.09 6.47 -1.24
C PHE A 158 10.26 5.12 -0.55
N PHE A 159 11.46 4.88 -0.03
CA PHE A 159 11.74 3.64 0.71
C PHE A 159 12.03 4.08 2.15
N ILE A 160 11.24 3.57 3.10
CA ILE A 160 11.43 3.93 4.49
C ILE A 160 11.73 2.75 5.41
N GLN A 161 12.90 2.82 6.05
CA GLN A 161 13.33 1.80 7.00
C GLN A 161 13.31 2.50 8.34
N ALA A 162 12.23 2.27 9.09
CA ALA A 162 12.03 2.88 10.40
C ALA A 162 10.88 2.14 11.08
N CYS A 163 10.52 2.55 12.29
CA CYS A 163 9.40 1.91 12.98
C CYS A 163 8.14 2.64 12.62
N ARG A 164 7.01 2.00 12.92
CA ARG A 164 5.72 2.59 12.63
C ARG A 164 4.81 2.36 13.83
N GLY A 165 5.42 1.86 14.90
CA GLY A 165 4.68 1.58 16.11
C GLY A 165 5.52 0.69 17.01
N THR A 166 4.88 0.08 18.00
CA THR A 166 5.61 -0.76 18.94
C THR A 166 5.18 -2.24 18.96
N GLU A 167 4.06 -2.55 18.32
CA GLU A 167 3.56 -3.92 18.29
C GLU A 167 4.55 -4.89 17.59
N LEU A 168 4.62 -6.11 18.10
CA LEU A 168 5.51 -7.13 17.53
C LEU A 168 4.74 -8.23 16.82
N ASP A 169 5.45 -8.98 15.97
CA ASP A 169 4.86 -10.07 15.23
C ASP A 169 5.48 -11.35 15.79
N ASP A 170 4.65 -12.18 16.40
CA ASP A 170 5.12 -13.44 17.02
C ASP A 170 5.35 -14.56 16.02
N GLY A 171 4.58 -14.56 14.93
CA GLY A 171 4.71 -15.59 13.93
C GLY A 171 3.67 -16.68 14.14
N ILE A 172 3.72 -17.72 13.32
CA ILE A 172 2.75 -18.80 13.43
C ILE A 172 3.24 -20.05 12.69
N GLN A 173 2.85 -21.21 13.21
CA GLN A 173 3.21 -22.53 12.68
C GLN A 173 4.68 -22.71 12.33
N LYS B 6 -6.13 16.13 -17.17
CA LYS B 6 -5.96 16.41 -15.70
C LYS B 6 -5.52 15.16 -14.93
N ILE B 7 -4.48 15.31 -14.12
CA ILE B 7 -3.95 14.18 -13.34
C ILE B 7 -4.04 14.35 -11.83
N PRO B 8 -4.42 13.28 -11.11
CA PRO B 8 -4.52 13.37 -9.65
C PRO B 8 -3.16 13.73 -9.05
N VAL B 9 -3.11 14.80 -8.28
CA VAL B 9 -1.87 15.25 -7.68
C VAL B 9 -1.23 14.20 -6.78
N GLU B 10 -2.03 13.22 -6.36
CA GLU B 10 -1.57 12.16 -5.48
C GLU B 10 -1.08 10.92 -6.22
N ALA B 11 -1.34 10.87 -7.53
CA ALA B 11 -0.95 9.75 -8.39
C ALA B 11 0.55 9.54 -8.58
N ASP B 12 0.89 8.39 -9.15
CA ASP B 12 2.27 8.02 -9.44
C ASP B 12 3.26 8.04 -8.28
N PHE B 13 2.78 7.70 -7.09
CA PHE B 13 3.63 7.63 -5.92
C PHE B 13 3.71 6.17 -5.48
N LEU B 14 4.84 5.81 -4.89
CA LEU B 14 5.01 4.46 -4.38
C LEU B 14 5.83 4.52 -3.11
N PHE B 15 5.34 3.88 -2.06
CA PHE B 15 6.01 3.83 -0.78
C PHE B 15 6.31 2.40 -0.43
N ALA B 16 7.57 2.14 -0.12
CA ALA B 16 7.98 0.81 0.28
C ALA B 16 8.43 0.89 1.73
N TYR B 17 7.51 0.59 2.65
CA TYR B 17 7.83 0.63 4.07
C TYR B 17 8.46 -0.70 4.52
N SER B 18 9.44 -0.60 5.41
CA SER B 18 10.13 -1.79 5.90
C SER B 18 9.24 -2.68 6.76
N THR B 19 8.16 -2.09 7.28
CA THR B 19 7.23 -2.82 8.14
C THR B 19 5.80 -2.28 7.99
N VAL B 20 4.84 -3.05 8.49
CA VAL B 20 3.44 -2.63 8.43
C VAL B 20 3.18 -1.58 9.51
N PRO B 21 2.10 -0.80 9.35
CA PRO B 21 1.76 0.25 10.32
C PRO B 21 1.61 -0.27 11.75
N GLY B 22 2.25 0.45 12.69
CA GLY B 22 2.17 0.07 14.09
C GLY B 22 3.15 -0.98 14.58
N TYR B 23 4.01 -1.49 13.72
CA TYR B 23 4.98 -2.49 14.14
C TYR B 23 6.42 -2.02 14.16
N TYR B 24 7.30 -2.91 14.61
CA TYR B 24 8.73 -2.60 14.68
C TYR B 24 9.51 -3.10 13.47
N SER B 25 10.62 -2.44 13.19
CA SER B 25 11.50 -2.83 12.09
C SER B 25 12.79 -3.31 12.74
N TRP B 26 13.20 -4.52 12.37
CA TRP B 26 14.41 -5.11 12.95
C TRP B 26 15.71 -4.88 12.18
N ARG B 27 16.63 -4.22 12.86
CA ARG B 27 17.94 -3.91 12.31
C ARG B 27 19.01 -4.70 13.07
N SER B 28 19.95 -5.27 12.31
CA SER B 28 21.05 -6.04 12.89
C SER B 28 22.31 -5.16 12.90
N PRO B 29 22.67 -4.59 14.07
CA PRO B 29 23.86 -3.73 14.15
C PRO B 29 25.11 -4.27 13.46
N GLY B 30 25.08 -5.56 13.11
CA GLY B 30 26.20 -6.16 12.43
C GLY B 30 26.01 -6.30 10.94
N ARG B 31 24.82 -6.71 10.53
CA ARG B 31 24.51 -6.88 9.10
C ARG B 31 23.61 -5.78 8.55
N GLY B 32 23.01 -5.01 9.45
CA GLY B 32 22.11 -3.94 9.03
C GLY B 32 20.69 -4.43 9.10
N SER B 33 19.73 -3.56 8.78
CA SER B 33 18.32 -3.93 8.82
C SER B 33 17.95 -5.03 7.82
N TRP B 34 16.86 -5.74 8.13
CA TRP B 34 16.37 -6.84 7.30
C TRP B 34 15.79 -6.39 5.96
N PHE B 35 14.98 -5.35 6.01
CA PHE B 35 14.36 -4.82 4.81
C PHE B 35 15.43 -4.44 3.81
N VAL B 36 16.40 -3.63 4.24
CA VAL B 36 17.46 -3.20 3.35
C VAL B 36 18.31 -4.37 2.83
N GLN B 37 18.69 -5.29 3.71
CA GLN B 37 19.46 -6.44 3.25
C GLN B 37 18.73 -7.08 2.07
N ALA B 38 17.48 -7.47 2.31
CA ALA B 38 16.64 -8.10 1.29
C ALA B 38 16.47 -7.24 0.04
N LEU B 39 16.17 -5.96 0.24
CA LEU B 39 15.96 -5.04 -0.86
C LEU B 39 17.23 -4.94 -1.69
N CYS B 40 18.38 -4.93 -1.03
CA CYS B 40 19.61 -4.84 -1.79
C CYS B 40 19.90 -6.11 -2.56
N SER B 41 19.78 -7.26 -1.90
CA SER B 41 20.02 -8.53 -2.59
C SER B 41 19.08 -8.77 -3.78
N ILE B 42 17.79 -8.48 -3.61
CA ILE B 42 16.84 -8.69 -4.70
C ILE B 42 17.12 -7.72 -5.84
N LEU B 43 17.62 -6.54 -5.49
CA LEU B 43 17.93 -5.53 -6.48
C LEU B 43 19.20 -5.84 -7.24
N GLU B 44 20.28 -6.06 -6.51
CA GLU B 44 21.57 -6.36 -7.14
C GLU B 44 21.52 -7.76 -7.72
N GLU B 45 20.39 -8.14 -8.29
CA GLU B 45 20.24 -9.47 -8.83
C GLU B 45 19.10 -9.58 -9.85
N HIS B 46 18.14 -8.66 -9.77
CA HIS B 46 16.98 -8.64 -10.68
C HIS B 46 16.47 -7.23 -10.96
N GLY B 47 17.03 -6.24 -10.27
CA GLY B 47 16.60 -4.87 -10.44
C GLY B 47 16.44 -4.37 -11.86
N LYS B 48 17.22 -4.94 -12.78
CA LYS B 48 17.17 -4.53 -14.16
C LYS B 48 16.19 -5.33 -15.01
N ASP B 49 15.62 -6.40 -14.47
CA ASP B 49 14.70 -7.20 -15.26
C ASP B 49 13.33 -7.53 -14.68
N LEU B 50 13.03 -7.03 -13.49
CA LEU B 50 11.72 -7.28 -12.90
C LEU B 50 10.99 -5.98 -12.69
N GLU B 51 9.67 -6.01 -12.84
CA GLU B 51 8.87 -4.82 -12.64
C GLU B 51 8.98 -4.48 -11.16
N ILE B 52 8.85 -3.20 -10.81
CA ILE B 52 8.98 -2.78 -9.41
C ILE B 52 8.15 -3.58 -8.41
N MET B 53 6.89 -3.86 -8.72
CA MET B 53 6.07 -4.61 -7.80
C MET B 53 6.57 -6.03 -7.57
N GLN B 54 7.13 -6.66 -8.61
CA GLN B 54 7.65 -8.00 -8.47
C GLN B 54 8.80 -7.98 -7.50
N ILE B 55 9.71 -7.06 -7.73
CA ILE B 55 10.87 -6.91 -6.86
C ILE B 55 10.45 -6.77 -5.39
N LEU B 56 9.53 -5.85 -5.14
CA LEU B 56 9.07 -5.63 -3.78
C LEU B 56 8.36 -6.83 -3.18
N THR B 57 7.68 -7.61 -4.01
CA THR B 57 7.00 -8.80 -3.52
C THR B 57 8.06 -9.77 -3.04
N ARG B 58 9.13 -9.91 -3.81
CA ARG B 58 10.22 -10.81 -3.44
C ARG B 58 10.88 -10.33 -2.16
N VAL B 59 11.00 -9.02 -2.00
CA VAL B 59 11.59 -8.49 -0.78
C VAL B 59 10.68 -8.83 0.38
N ASN B 60 9.37 -8.77 0.14
CA ASN B 60 8.39 -9.10 1.16
C ASN B 60 8.58 -10.55 1.59
N ASP B 61 8.62 -11.44 0.63
CA ASP B 61 8.79 -12.86 0.91
C ASP B 61 10.12 -13.10 1.60
N ARG B 62 11.19 -12.59 1.01
CA ARG B 62 12.52 -12.76 1.58
C ARG B 62 12.54 -12.32 3.04
N VAL B 63 11.92 -11.18 3.33
CA VAL B 63 11.87 -10.68 4.69
C VAL B 63 10.97 -11.53 5.56
N ALA B 64 9.80 -11.87 5.04
CA ALA B 64 8.84 -12.69 5.78
C ALA B 64 9.43 -14.02 6.20
N ARG B 65 10.20 -14.63 5.32
CA ARG B 65 10.79 -15.91 5.63
C ARG B 65 12.16 -15.82 6.31
N HIS B 66 13.22 -16.00 5.54
CA HIS B 66 14.60 -15.97 6.04
C HIS B 66 14.91 -15.34 7.41
N PHE B 67 14.23 -14.27 7.79
CA PHE B 67 14.50 -13.62 9.07
C PHE B 67 13.62 -14.01 10.27
N GLU B 68 14.17 -13.84 11.47
CA GLU B 68 13.50 -14.14 12.74
C GLU B 68 14.38 -13.64 13.89
N SER B 69 13.92 -12.62 14.60
CA SER B 69 14.69 -12.02 15.69
C SER B 69 15.19 -13.02 16.74
N GLN B 70 16.19 -12.59 17.49
CA GLN B 70 16.81 -13.40 18.55
C GLN B 70 17.38 -12.46 19.61
N SER B 71 16.58 -12.18 20.63
CA SER B 71 16.99 -11.29 21.72
C SER B 71 16.70 -11.96 23.07
N ASP B 72 17.35 -11.48 24.12
CA ASP B 72 17.16 -12.04 25.47
C ASP B 72 15.72 -11.90 25.93
N ASP B 73 15.25 -10.65 26.01
CA ASP B 73 13.89 -10.37 26.42
C ASP B 73 12.99 -11.40 25.76
N PRO B 74 12.43 -12.34 26.54
CA PRO B 74 11.55 -13.39 26.00
C PRO B 74 10.41 -12.81 25.16
N HIS B 75 10.14 -11.52 25.38
CA HIS B 75 9.09 -10.80 24.69
C HIS B 75 9.57 -10.24 23.35
N PHE B 76 10.89 -10.23 23.15
CA PHE B 76 11.50 -9.74 21.92
C PHE B 76 12.25 -10.89 21.24
N HIS B 77 11.96 -12.11 21.69
CA HIS B 77 12.58 -13.32 21.18
C HIS B 77 11.78 -14.00 20.06
N GLU B 78 12.48 -14.35 18.98
CA GLU B 78 11.86 -15.03 17.83
C GLU B 78 10.73 -14.28 17.15
N LYS B 79 10.83 -12.95 17.08
CA LYS B 79 9.78 -12.16 16.44
C LYS B 79 9.92 -12.13 14.92
N LYS B 80 8.81 -11.86 14.23
CA LYS B 80 8.78 -11.80 12.77
C LYS B 80 8.51 -10.38 12.25
N GLN B 81 8.58 -10.20 10.93
CA GLN B 81 8.35 -8.90 10.31
C GLN B 81 7.93 -9.00 8.83
N ILE B 82 6.98 -8.16 8.43
CA ILE B 82 6.52 -8.15 7.04
C ILE B 82 6.46 -6.70 6.55
N PRO B 83 7.16 -6.41 5.43
CA PRO B 83 7.19 -5.07 4.85
C PRO B 83 5.83 -4.68 4.28
N CYS B 84 5.65 -3.39 4.05
CA CYS B 84 4.40 -2.88 3.54
C CYS B 84 4.61 -1.98 2.32
N VAL B 85 3.95 -2.32 1.22
CA VAL B 85 4.07 -1.54 -0.02
C VAL B 85 2.78 -0.80 -0.37
N VAL B 86 2.90 0.50 -0.57
CA VAL B 86 1.76 1.33 -0.93
C VAL B 86 2.04 1.91 -2.31
N SER B 87 1.12 1.68 -3.24
CA SER B 87 1.32 2.13 -4.60
C SER B 87 0.18 2.91 -5.25
N MET B 88 0.56 4.02 -5.87
CA MET B 88 -0.38 4.87 -6.59
C MET B 88 0.14 4.96 -8.01
N LEU B 89 1.02 4.03 -8.37
CA LEU B 89 1.56 4.00 -9.71
C LEU B 89 0.43 3.73 -10.69
N THR B 90 0.60 4.15 -11.94
CA THR B 90 -0.42 3.97 -12.96
C THR B 90 0.10 3.22 -14.16
N LYS B 91 1.37 2.82 -14.09
CA LYS B 91 2.04 2.06 -15.16
C LYS B 91 2.99 1.07 -14.51
N GLU B 92 3.54 0.16 -15.29
CA GLU B 92 4.50 -0.80 -14.76
C GLU B 92 5.84 -0.06 -14.73
N LEU B 93 6.69 -0.42 -13.79
CA LEU B 93 7.98 0.23 -13.65
C LEU B 93 9.14 -0.75 -13.80
N TYR B 94 10.04 -0.41 -14.69
CA TYR B 94 11.23 -1.21 -14.99
C TYR B 94 12.39 -0.23 -15.06
N PHE B 95 13.53 -0.58 -14.45
CA PHE B 95 14.67 0.32 -14.46
C PHE B 95 15.60 0.13 -15.66
N SER B 96 15.03 -0.01 -16.85
CA SER B 96 15.84 -0.17 -18.05
C SER B 96 15.07 0.11 -19.34
N GLN B 97 15.82 0.20 -20.44
CA GLN B 97 15.28 0.48 -21.78
C GLN B 97 14.76 1.91 -21.93
N THR C 34 6.79 -21.63 -5.68
CA THR C 34 7.82 -20.87 -6.43
C THR C 34 7.68 -19.37 -6.18
N TYR C 35 7.39 -18.61 -7.23
CA TYR C 35 7.24 -17.16 -7.12
C TYR C 35 5.77 -16.77 -7.22
N GLN C 36 4.91 -17.78 -7.30
CA GLN C 36 3.47 -17.55 -7.43
C GLN C 36 2.73 -18.30 -6.34
N TYR C 37 1.61 -17.72 -5.91
CA TYR C 37 0.78 -18.37 -4.90
C TYR C 37 0.20 -19.61 -5.55
N ASN C 38 0.25 -20.73 -4.82
CA ASN C 38 -0.26 -21.99 -5.33
C ASN C 38 -1.78 -21.93 -5.53
N MET C 39 -2.20 -22.15 -6.78
CA MET C 39 -3.62 -22.10 -7.13
C MET C 39 -4.28 -23.47 -7.29
N ASN C 40 -3.53 -24.53 -7.04
CA ASN C 40 -4.11 -25.86 -7.20
C ASN C 40 -4.90 -26.27 -5.95
N PHE C 41 -6.16 -25.86 -5.92
CA PHE C 41 -7.06 -26.16 -4.81
C PHE C 41 -8.43 -26.51 -5.34
N GLU C 42 -9.19 -27.26 -4.54
CA GLU C 42 -10.53 -27.69 -4.92
C GLU C 42 -11.31 -26.47 -5.42
N LYS C 43 -11.30 -25.40 -4.64
CA LYS C 43 -11.99 -24.17 -5.03
C LYS C 43 -11.13 -22.92 -4.83
N LEU C 44 -11.48 -21.87 -5.57
CA LEU C 44 -10.77 -20.60 -5.48
C LEU C 44 -10.99 -19.97 -4.11
N GLY C 45 -12.24 -19.94 -3.69
CA GLY C 45 -12.54 -19.38 -2.38
C GLY C 45 -13.83 -18.59 -2.27
N LYS C 46 -14.02 -18.02 -1.08
CA LYS C 46 -15.19 -17.23 -0.74
C LYS C 46 -14.97 -15.78 -1.18
N CYS C 47 -16.03 -15.13 -1.67
CA CYS C 47 -15.94 -13.72 -2.02
C CYS C 47 -17.12 -13.02 -1.36
N ILE C 48 -16.85 -12.41 -0.21
CA ILE C 48 -17.88 -11.73 0.53
C ILE C 48 -18.02 -10.27 0.09
N ILE C 49 -19.25 -9.90 -0.27
CA ILE C 49 -19.54 -8.54 -0.68
C ILE C 49 -20.55 -7.91 0.27
N ILE C 50 -20.14 -6.83 0.93
CA ILE C 50 -21.04 -6.12 1.85
C ILE C 50 -21.51 -4.87 1.13
N ASN C 51 -22.79 -4.85 0.77
CA ASN C 51 -23.39 -3.75 0.04
C ASN C 51 -24.26 -2.87 0.94
N ASN C 52 -23.67 -1.82 1.50
CA ASN C 52 -24.42 -0.89 2.35
C ASN C 52 -24.95 0.30 1.56
N LYS C 53 -26.28 0.36 1.40
CA LYS C 53 -26.93 1.43 0.65
C LYS C 53 -27.73 2.34 1.57
N ASN C 54 -28.37 1.73 2.56
CA ASN C 54 -29.21 2.43 3.52
C ASN C 54 -28.59 2.51 4.90
N PHE C 55 -28.71 3.69 5.52
CA PHE C 55 -28.15 3.93 6.85
C PHE C 55 -29.17 4.57 7.81
N ASP C 56 -28.84 4.60 9.09
CA ASP C 56 -29.74 5.20 10.07
C ASP C 56 -29.60 6.71 10.02
N LYS C 57 -30.73 7.41 10.12
CA LYS C 57 -30.72 8.87 10.07
C LYS C 57 -29.70 9.44 11.05
N VAL C 58 -29.64 8.84 12.24
CA VAL C 58 -28.74 9.28 13.30
C VAL C 58 -27.26 9.33 12.92
N THR C 59 -26.87 8.61 11.87
CA THR C 59 -25.49 8.59 11.43
C THR C 59 -25.23 9.82 10.55
N GLY C 60 -26.31 10.39 10.03
CA GLY C 60 -26.15 11.55 9.18
C GLY C 60 -25.72 11.18 7.77
N MET C 61 -25.61 9.88 7.50
CA MET C 61 -25.21 9.43 6.17
C MET C 61 -26.43 9.31 5.27
N GLY C 62 -26.22 9.46 3.97
CA GLY C 62 -27.32 9.37 3.03
C GLY C 62 -27.30 8.12 2.17
N VAL C 63 -28.42 7.84 1.53
CA VAL C 63 -28.54 6.69 0.66
C VAL C 63 -27.45 6.69 -0.40
N ARG C 64 -26.67 5.62 -0.43
CA ARG C 64 -25.59 5.50 -1.41
C ARG C 64 -26.17 4.97 -2.72
N ASN C 65 -26.77 5.87 -3.49
CA ASN C 65 -27.36 5.49 -4.77
C ASN C 65 -26.31 5.07 -5.78
N GLY C 66 -26.59 3.97 -6.47
CA GLY C 66 -25.66 3.45 -7.45
C GLY C 66 -24.79 2.34 -6.89
N THR C 67 -24.95 2.04 -5.61
CA THR C 67 -24.14 0.98 -5.00
C THR C 67 -24.64 -0.39 -5.43
N ASP C 68 -25.92 -0.51 -5.77
CA ASP C 68 -26.46 -1.78 -6.22
C ASP C 68 -25.80 -2.11 -7.55
N LYS C 69 -25.60 -1.09 -8.37
CA LYS C 69 -24.96 -1.25 -9.66
C LYS C 69 -23.62 -1.94 -9.42
N ASP C 70 -22.82 -1.35 -8.55
CA ASP C 70 -21.52 -1.90 -8.22
C ASP C 70 -21.62 -3.33 -7.70
N ALA C 71 -22.50 -3.55 -6.74
CA ALA C 71 -22.69 -4.87 -6.16
C ALA C 71 -23.04 -5.90 -7.23
N GLU C 72 -23.96 -5.52 -8.12
CA GLU C 72 -24.39 -6.42 -9.19
C GLU C 72 -23.20 -6.71 -10.11
N ALA C 73 -22.44 -5.66 -10.42
CA ALA C 73 -21.28 -5.79 -11.29
C ALA C 73 -20.22 -6.68 -10.64
N LEU C 74 -19.82 -6.29 -9.43
CA LEU C 74 -18.81 -7.03 -8.70
C LEU C 74 -19.09 -8.53 -8.59
N PHE C 75 -20.30 -8.87 -8.16
CA PHE C 75 -20.64 -10.27 -8.00
C PHE C 75 -20.56 -11.03 -9.34
N LYS C 76 -21.24 -10.56 -10.37
CA LYS C 76 -21.18 -11.26 -11.65
C LYS C 76 -19.74 -11.46 -12.02
N CYS C 77 -18.96 -10.41 -11.85
CA CYS C 77 -17.54 -10.43 -12.17
C CYS C 77 -16.70 -11.43 -11.36
N PHE C 78 -16.75 -11.34 -10.04
CA PHE C 78 -15.96 -12.29 -9.25
C PHE C 78 -16.46 -13.74 -9.39
N ARG C 79 -17.73 -13.91 -9.75
CA ARG C 79 -18.28 -15.24 -9.95
C ARG C 79 -17.54 -15.90 -11.11
N SER C 80 -17.27 -15.10 -12.14
CA SER C 80 -16.57 -15.56 -13.34
C SER C 80 -15.17 -16.01 -13.02
N LEU C 81 -14.50 -15.32 -12.11
CA LEU C 81 -13.14 -15.69 -11.74
C LEU C 81 -13.11 -17.07 -11.08
N GLY C 82 -14.26 -17.50 -10.56
CA GLY C 82 -14.31 -18.79 -9.90
C GLY C 82 -14.56 -18.73 -8.40
N PHE C 83 -14.86 -17.54 -7.88
CA PHE C 83 -15.12 -17.38 -6.45
C PHE C 83 -16.54 -17.84 -6.10
N ASP C 84 -16.74 -18.19 -4.83
CA ASP C 84 -18.07 -18.56 -4.36
C ASP C 84 -18.49 -17.30 -3.64
N VAL C 85 -19.20 -16.45 -4.37
CA VAL C 85 -19.63 -15.16 -3.85
C VAL C 85 -20.98 -15.09 -3.16
N ILE C 86 -20.98 -14.37 -2.04
CA ILE C 86 -22.14 -14.15 -1.19
C ILE C 86 -22.32 -12.64 -1.08
N VAL C 87 -23.55 -12.15 -1.20
CA VAL C 87 -23.78 -10.71 -1.08
C VAL C 87 -24.67 -10.33 0.11
N TYR C 88 -24.14 -9.48 0.99
CA TYR C 88 -24.88 -9.02 2.17
C TYR C 88 -25.32 -7.57 1.97
N ASN C 89 -26.47 -7.19 2.53
CA ASN C 89 -26.99 -5.84 2.35
C ASN C 89 -27.33 -5.07 3.61
N ASP C 90 -27.11 -3.75 3.57
CA ASP C 90 -27.38 -2.85 4.69
C ASP C 90 -27.09 -3.53 6.02
N CYS C 91 -25.81 -3.77 6.30
CA CYS C 91 -25.43 -4.43 7.54
C CYS C 91 -25.13 -3.47 8.68
N SER C 92 -25.33 -3.95 9.90
CA SER C 92 -25.03 -3.15 11.07
C SER C 92 -23.55 -3.36 11.33
N CYS C 93 -22.98 -2.58 12.25
CA CYS C 93 -21.58 -2.77 12.54
C CYS C 93 -21.37 -4.14 13.18
N ALA C 94 -22.26 -4.50 14.10
CA ALA C 94 -22.20 -5.78 14.78
C ALA C 94 -22.23 -6.91 13.74
N LYS C 95 -23.14 -6.78 12.78
CA LYS C 95 -23.30 -7.75 11.71
C LYS C 95 -22.00 -7.90 10.92
N MET C 96 -21.46 -6.80 10.42
CA MET C 96 -20.23 -6.89 9.66
C MET C 96 -19.15 -7.63 10.41
N GLN C 97 -18.95 -7.27 11.67
CA GLN C 97 -17.95 -7.90 12.52
C GLN C 97 -18.17 -9.40 12.65
N ASP C 98 -19.39 -9.76 13.04
CA ASP C 98 -19.77 -11.14 13.25
C ASP C 98 -19.64 -11.95 11.96
N LEU C 99 -20.21 -11.39 10.90
CA LEU C 99 -20.21 -12.00 9.58
C LEU C 99 -18.79 -12.38 9.20
N LEU C 100 -17.88 -11.42 9.31
CA LEU C 100 -16.49 -11.66 8.97
C LEU C 100 -15.77 -12.61 9.91
N LYS C 101 -16.03 -12.50 11.20
CA LYS C 101 -15.39 -13.39 12.17
C LYS C 101 -15.76 -14.83 11.85
N LYS C 102 -17.07 -15.08 11.71
CA LYS C 102 -17.56 -16.41 11.38
C LYS C 102 -16.83 -16.95 10.15
N ALA C 103 -16.67 -16.10 9.14
CA ALA C 103 -16.00 -16.49 7.91
C ALA C 103 -14.57 -16.94 8.20
N SER C 104 -13.88 -16.23 9.09
CA SER C 104 -12.50 -16.55 9.44
C SER C 104 -12.44 -17.84 10.23
N GLU C 105 -13.57 -18.24 10.79
CA GLU C 105 -13.62 -19.45 11.59
C GLU C 105 -14.00 -20.67 10.78
N GLU C 106 -14.34 -20.46 9.52
CA GLU C 106 -14.72 -21.55 8.62
C GLU C 106 -13.47 -22.31 8.19
N ASP C 107 -13.63 -23.38 7.42
CA ASP C 107 -12.48 -24.16 6.98
C ASP C 107 -12.06 -23.84 5.56
N HIS C 108 -10.98 -23.10 5.44
CA HIS C 108 -10.50 -22.67 4.13
C HIS C 108 -9.43 -23.59 3.57
N THR C 109 -9.30 -24.76 4.16
CA THR C 109 -8.29 -25.73 3.71
C THR C 109 -8.25 -25.96 2.20
N ASN C 110 -9.40 -26.16 1.58
CA ASN C 110 -9.41 -26.42 0.14
C ASN C 110 -9.63 -25.22 -0.75
N ALA C 111 -9.34 -24.03 -0.23
CA ALA C 111 -9.52 -22.80 -1.00
C ALA C 111 -8.18 -22.14 -1.27
N ALA C 112 -8.02 -21.66 -2.51
CA ALA C 112 -6.79 -21.00 -2.93
C ALA C 112 -6.57 -19.65 -2.22
N CYS C 113 -7.67 -18.98 -1.87
CA CYS C 113 -7.58 -17.70 -1.19
C CYS C 113 -8.92 -17.19 -0.70
N PHE C 114 -8.91 -15.96 -0.20
CA PHE C 114 -10.11 -15.31 0.31
C PHE C 114 -10.22 -13.88 -0.20
N ALA C 115 -11.45 -13.44 -0.46
CA ALA C 115 -11.67 -12.09 -0.93
C ALA C 115 -12.90 -11.46 -0.28
N CYS C 116 -12.75 -10.22 0.15
CA CYS C 116 -13.84 -9.47 0.78
C CYS C 116 -13.97 -8.08 0.13
N ILE C 117 -15.20 -7.67 -0.16
CA ILE C 117 -15.42 -6.38 -0.78
C ILE C 117 -16.32 -5.52 0.10
N LEU C 118 -15.97 -4.25 0.24
CA LEU C 118 -16.74 -3.33 1.07
C LEU C 118 -17.24 -2.13 0.30
N LEU C 119 -18.57 -1.95 0.29
CA LEU C 119 -19.20 -0.84 -0.41
C LEU C 119 -20.04 -0.03 0.59
N SER C 120 -19.51 1.10 1.05
CA SER C 120 -20.26 1.90 2.02
C SER C 120 -19.66 3.30 2.21
N HIS C 121 -20.11 3.99 3.26
CA HIS C 121 -19.58 5.31 3.57
C HIS C 121 -18.32 5.05 4.40
N GLY C 122 -17.37 5.99 4.37
CA GLY C 122 -16.17 5.81 5.13
C GLY C 122 -15.49 7.10 5.53
N GLU C 123 -14.46 6.95 6.35
CA GLU C 123 -13.64 8.04 6.83
C GLU C 123 -12.31 7.36 7.09
N GLU C 124 -11.23 8.13 7.20
CA GLU C 124 -9.95 7.49 7.40
C GLU C 124 -9.91 6.37 8.45
N ASN C 125 -9.59 5.16 7.99
CA ASN C 125 -9.46 3.97 8.83
C ASN C 125 -10.77 3.38 9.32
N VAL C 126 -11.86 4.05 8.99
CA VAL C 126 -13.15 3.60 9.44
C VAL C 126 -14.11 3.32 8.27
N ILE C 127 -15.06 2.45 8.53
CA ILE C 127 -16.04 2.07 7.53
C ILE C 127 -17.42 2.05 8.19
N TYR C 128 -18.40 2.63 7.52
CA TYR C 128 -19.75 2.70 8.08
C TYR C 128 -20.61 1.45 7.97
N GLY C 129 -21.52 1.35 8.94
CA GLY C 129 -22.49 0.29 8.97
C GLY C 129 -23.75 1.14 9.00
N LYS C 130 -24.94 0.57 8.82
CA LYS C 130 -26.13 1.43 8.89
C LYS C 130 -26.14 1.90 10.32
N ASP C 131 -25.65 1.02 11.18
CA ASP C 131 -25.52 1.20 12.62
C ASP C 131 -24.73 2.45 12.96
N GLY C 132 -23.49 2.49 12.49
CA GLY C 132 -22.60 3.60 12.74
C GLY C 132 -21.23 3.38 12.11
N VAL C 133 -20.19 3.44 12.92
CA VAL C 133 -18.81 3.32 12.44
C VAL C 133 -17.94 2.22 13.09
N THR C 134 -17.11 1.56 12.27
CA THR C 134 -16.22 0.51 12.78
C THR C 134 -14.88 0.52 12.02
N PRO C 135 -13.77 0.31 12.74
CA PRO C 135 -12.42 0.28 12.17
C PRO C 135 -12.21 -0.84 11.17
N ILE C 136 -11.73 -0.47 9.99
CA ILE C 136 -11.47 -1.43 8.93
C ILE C 136 -10.48 -2.47 9.42
N LYS C 137 -9.61 -2.09 10.33
CA LYS C 137 -8.61 -3.02 10.83
C LYS C 137 -9.22 -4.13 11.67
N ASP C 138 -10.30 -3.83 12.40
CA ASP C 138 -10.93 -4.85 13.22
C ASP C 138 -11.59 -5.91 12.37
N LEU C 139 -12.07 -5.52 11.21
CA LEU C 139 -12.72 -6.46 10.33
C LEU C 139 -11.73 -7.41 9.70
N THR C 140 -10.60 -6.88 9.25
CA THR C 140 -9.59 -7.70 8.60
C THR C 140 -8.69 -8.48 9.57
N ALA C 141 -8.63 -8.04 10.82
CA ALA C 141 -7.77 -8.71 11.80
C ALA C 141 -8.18 -10.17 11.98
N HIS C 142 -9.47 -10.44 11.79
CA HIS C 142 -9.99 -11.79 11.95
C HIS C 142 -9.23 -12.80 11.08
N PHE C 143 -8.58 -12.33 10.02
CA PHE C 143 -7.89 -13.25 9.14
C PHE C 143 -6.38 -13.33 9.30
N ARG C 144 -5.85 -12.73 10.36
CA ARG C 144 -4.41 -12.77 10.58
C ARG C 144 -3.92 -14.21 10.59
N GLY C 145 -2.66 -14.40 10.21
CA GLY C 145 -2.09 -15.73 10.18
C GLY C 145 -2.41 -16.57 11.40
N ASP C 146 -2.20 -15.99 12.59
CA ASP C 146 -2.46 -16.67 13.85
C ASP C 146 -3.94 -16.93 14.11
N ARG C 147 -4.79 -16.03 13.62
CA ARG C 147 -6.23 -16.15 13.84
C ARG C 147 -7.03 -16.83 12.75
N CYS C 148 -6.36 -17.26 11.69
CA CYS C 148 -7.07 -17.94 10.61
C CYS C 148 -6.11 -18.91 9.94
N LYS C 149 -5.74 -19.94 10.69
CA LYS C 149 -4.83 -20.95 10.24
C LYS C 149 -5.11 -21.52 8.85
N THR C 150 -6.37 -21.83 8.55
CA THR C 150 -6.65 -22.40 7.22
C THR C 150 -6.38 -21.46 6.05
N LEU C 151 -6.26 -20.16 6.31
CA LEU C 151 -5.97 -19.22 5.23
C LEU C 151 -4.51 -18.76 5.30
N LEU C 152 -3.71 -19.48 6.08
CA LEU C 152 -2.30 -19.14 6.24
C LEU C 152 -1.57 -19.33 4.93
N GLU C 153 -0.58 -18.48 4.68
CA GLU C 153 0.20 -18.56 3.44
C GLU C 153 -0.67 -18.38 2.19
N LYS C 154 -1.92 -17.99 2.37
CA LYS C 154 -2.81 -17.77 1.24
C LYS C 154 -3.20 -16.30 1.18
N PRO C 155 -3.38 -15.76 -0.03
CA PRO C 155 -3.76 -14.35 -0.21
C PRO C 155 -5.13 -13.98 0.34
N LYS C 156 -5.14 -12.95 1.20
CA LYS C 156 -6.37 -12.44 1.81
C LYS C 156 -6.64 -11.07 1.18
N LEU C 157 -7.61 -10.99 0.28
CA LEU C 157 -7.90 -9.74 -0.43
C LEU C 157 -9.07 -8.91 0.03
N PHE C 158 -8.87 -7.60 0.14
CA PHE C 158 -9.91 -6.68 0.55
C PHE C 158 -10.04 -5.50 -0.39
N PHE C 159 -11.20 -5.33 -0.99
CA PHE C 159 -11.41 -4.19 -1.86
C PHE C 159 -12.36 -3.29 -1.09
N ILE C 160 -12.05 -2.00 -1.08
CA ILE C 160 -12.88 -1.08 -0.32
C ILE C 160 -13.28 0.17 -1.09
N GLN C 161 -14.59 0.33 -1.23
CA GLN C 161 -15.19 1.47 -1.90
C GLN C 161 -15.86 2.31 -0.82
N ALA C 162 -15.11 3.28 -0.30
CA ALA C 162 -15.59 4.16 0.74
C ALA C 162 -14.63 5.33 0.81
N CYS C 163 -15.04 6.42 1.44
CA CYS C 163 -14.19 7.60 1.57
C CYS C 163 -13.16 7.40 2.66
N ARG C 164 -12.06 8.14 2.58
CA ARG C 164 -11.02 8.03 3.59
C ARG C 164 -10.70 9.41 4.16
N GLY C 165 -11.66 10.31 4.04
CA GLY C 165 -11.49 11.66 4.52
C GLY C 165 -12.35 12.60 3.70
N THR C 166 -12.06 13.90 3.78
CA THR C 166 -12.85 14.89 3.05
C THR C 166 -12.07 15.70 2.01
N GLU C 167 -10.77 15.45 1.89
CA GLU C 167 -9.96 16.19 0.91
C GLU C 167 -10.39 15.90 -0.52
N LEU C 168 -10.14 16.86 -1.40
CA LEU C 168 -10.49 16.74 -2.81
C LEU C 168 -9.25 16.92 -3.68
N ASP C 169 -9.11 16.04 -4.66
CA ASP C 169 -7.96 16.13 -5.55
C ASP C 169 -8.36 16.98 -6.74
N ASP C 170 -7.87 18.21 -6.77
CA ASP C 170 -8.17 19.15 -7.85
C ASP C 170 -7.57 18.69 -9.18
N GLY C 171 -6.38 18.12 -9.12
CA GLY C 171 -5.73 17.66 -10.34
C GLY C 171 -4.65 18.60 -10.82
N ILE C 172 -4.20 18.39 -12.06
CA ILE C 172 -3.16 19.22 -12.65
C ILE C 172 -3.16 19.02 -14.17
N GLN C 173 -2.52 19.94 -14.89
CA GLN C 173 -2.46 19.92 -16.35
C GLN C 173 -3.83 19.64 -16.96
N TYR D 5 10.40 -21.76 8.84
CA TYR D 5 9.93 -21.98 10.24
C TYR D 5 8.59 -21.26 10.44
N LYS D 6 8.62 -20.07 11.05
CA LYS D 6 7.39 -19.30 11.26
C LYS D 6 7.08 -18.30 10.15
N ILE D 7 5.92 -17.66 10.25
CA ILE D 7 5.50 -16.68 9.26
C ILE D 7 4.80 -15.51 9.96
N PRO D 8 4.91 -14.30 9.40
CA PRO D 8 4.26 -13.13 10.02
C PRO D 8 2.73 -13.21 9.92
N VAL D 9 2.05 -12.75 10.96
CA VAL D 9 0.61 -12.78 10.97
C VAL D 9 -0.02 -11.72 10.08
N GLU D 10 0.77 -10.73 9.68
CA GLU D 10 0.27 -9.66 8.83
C GLU D 10 0.55 -9.97 7.36
N ALA D 11 1.31 -11.03 7.13
CA ALA D 11 1.67 -11.44 5.79
C ALA D 11 0.49 -11.93 4.93
N ASP D 12 0.64 -11.80 3.61
CA ASP D 12 -0.34 -12.23 2.64
C ASP D 12 -1.66 -11.48 2.60
N PHE D 13 -1.62 -10.21 2.95
CA PHE D 13 -2.80 -9.35 2.93
C PHE D 13 -2.64 -8.33 1.81
N LEU D 14 -3.75 -8.01 1.14
CA LEU D 14 -3.70 -6.99 0.10
C LEU D 14 -4.96 -6.15 0.20
N PHE D 15 -4.77 -4.83 0.18
CA PHE D 15 -5.88 -3.91 0.25
C PHE D 15 -5.95 -3.05 -0.98
N ALA D 16 -7.13 -2.98 -1.58
CA ALA D 16 -7.34 -2.17 -2.76
C ALA D 16 -8.35 -1.10 -2.40
N TYR D 17 -7.86 0.09 -2.06
CA TYR D 17 -8.73 1.21 -1.70
C TYR D 17 -9.07 2.04 -2.93
N SER D 18 -10.31 2.48 -3.02
CA SER D 18 -10.76 3.29 -4.14
C SER D 18 -10.06 4.65 -4.16
N THR D 19 -9.52 5.06 -3.02
CA THR D 19 -8.84 6.34 -2.97
C THR D 19 -7.71 6.29 -1.94
N VAL D 20 -6.91 7.35 -1.90
CA VAL D 20 -5.79 7.45 -0.96
C VAL D 20 -6.31 8.00 0.36
N PRO D 21 -5.53 7.84 1.44
CA PRO D 21 -5.89 8.32 2.77
C PRO D 21 -6.19 9.81 2.83
N GLY D 22 -7.28 10.14 3.52
CA GLY D 22 -7.67 11.53 3.68
C GLY D 22 -8.55 12.14 2.59
N TYR D 23 -8.82 11.40 1.52
CA TYR D 23 -9.63 11.91 0.42
C TYR D 23 -11.00 11.27 0.24
N TYR D 24 -11.78 11.86 -0.68
CA TYR D 24 -13.10 11.38 -1.04
C TYR D 24 -13.01 10.33 -2.14
N SER D 25 -14.10 9.59 -2.31
CA SER D 25 -14.20 8.57 -3.35
C SER D 25 -15.45 8.94 -4.13
N TRP D 26 -15.38 8.86 -5.46
CA TRP D 26 -16.51 9.24 -6.29
C TRP D 26 -17.39 8.12 -6.79
N ARG D 27 -18.69 8.38 -6.73
CA ARG D 27 -19.72 7.43 -7.14
C ARG D 27 -20.86 8.10 -7.89
N SER D 28 -21.24 7.51 -9.01
CA SER D 28 -22.34 8.03 -9.83
C SER D 28 -23.63 7.27 -9.46
N PRO D 29 -24.63 7.98 -8.91
CA PRO D 29 -25.89 7.36 -8.52
C PRO D 29 -26.51 6.50 -9.62
N GLY D 30 -26.08 6.71 -10.85
CA GLY D 30 -26.61 5.94 -11.95
C GLY D 30 -25.63 4.93 -12.49
N ARG D 31 -24.35 5.30 -12.53
CA ARG D 31 -23.31 4.42 -13.04
C ARG D 31 -22.57 3.61 -11.97
N GLY D 32 -22.67 4.03 -10.71
CA GLY D 32 -21.97 3.34 -9.65
C GLY D 32 -20.61 3.99 -9.48
N SER D 33 -19.90 3.64 -8.41
CA SER D 33 -18.59 4.23 -8.17
C SER D 33 -17.60 4.02 -9.31
N TRP D 34 -16.65 4.95 -9.43
CA TRP D 34 -15.62 4.91 -10.46
C TRP D 34 -14.70 3.71 -10.31
N PHE D 35 -14.18 3.57 -9.09
CA PHE D 35 -13.27 2.49 -8.73
C PHE D 35 -13.82 1.10 -9.04
N VAL D 36 -15.07 0.87 -8.65
CA VAL D 36 -15.71 -0.41 -8.89
C VAL D 36 -15.97 -0.58 -10.38
N GLN D 37 -16.39 0.49 -11.05
CA GLN D 37 -16.65 0.44 -12.49
C GLN D 37 -15.35 -0.04 -13.15
N ALA D 38 -14.27 0.68 -12.88
CA ALA D 38 -12.96 0.37 -13.43
C ALA D 38 -12.48 -1.05 -13.08
N LEU D 39 -12.54 -1.38 -11.79
CA LEU D 39 -12.11 -2.71 -11.35
C LEU D 39 -12.77 -3.80 -12.19
N CYS D 40 -14.10 -3.83 -12.17
CA CYS D 40 -14.86 -4.82 -12.92
C CYS D 40 -14.50 -4.82 -14.39
N SER D 41 -14.40 -3.63 -14.96
CA SER D 41 -14.05 -3.46 -16.35
C SER D 41 -12.76 -4.21 -16.67
N ILE D 42 -11.69 -3.91 -15.91
CA ILE D 42 -10.40 -4.54 -16.12
C ILE D 42 -10.42 -6.05 -15.84
N LEU D 43 -11.18 -6.48 -14.84
CA LEU D 43 -11.25 -7.92 -14.51
C LEU D 43 -11.94 -8.70 -15.62
N GLU D 44 -12.98 -8.13 -16.21
CA GLU D 44 -13.68 -8.79 -17.31
C GLU D 44 -12.63 -9.07 -18.37
N GLU D 45 -11.95 -8.02 -18.78
CA GLU D 45 -10.92 -8.09 -19.80
C GLU D 45 -9.65 -8.89 -19.50
N HIS D 46 -9.10 -8.80 -18.29
CA HIS D 46 -7.85 -9.51 -17.99
C HIS D 46 -7.82 -10.35 -16.73
N GLY D 47 -8.99 -10.59 -16.15
CA GLY D 47 -9.07 -11.36 -14.92
C GLY D 47 -8.21 -12.59 -14.78
N LYS D 48 -8.16 -13.43 -15.80
CA LYS D 48 -7.38 -14.66 -15.71
C LYS D 48 -5.97 -14.59 -16.26
N ASP D 49 -5.65 -13.55 -17.02
CA ASP D 49 -4.33 -13.48 -17.61
C ASP D 49 -3.32 -12.47 -17.07
N LEU D 50 -3.72 -11.61 -16.14
CA LEU D 50 -2.78 -10.65 -15.56
C LEU D 50 -2.57 -10.87 -14.08
N GLU D 51 -1.36 -10.53 -13.61
CA GLU D 51 -1.04 -10.66 -12.20
C GLU D 51 -1.86 -9.59 -11.45
N ILE D 52 -2.28 -9.91 -10.24
CA ILE D 52 -3.11 -9.00 -9.46
C ILE D 52 -2.63 -7.54 -9.46
N MET D 53 -1.35 -7.33 -9.16
CA MET D 53 -0.80 -5.97 -9.13
C MET D 53 -0.91 -5.29 -10.49
N GLN D 54 -0.82 -6.09 -11.55
CA GLN D 54 -0.93 -5.58 -12.92
C GLN D 54 -2.34 -5.05 -13.11
N ILE D 55 -3.31 -5.84 -12.72
CA ILE D 55 -4.72 -5.47 -12.81
C ILE D 55 -4.96 -4.17 -12.07
N LEU D 56 -4.60 -4.15 -10.79
CA LEU D 56 -4.81 -2.97 -9.96
C LEU D 56 -4.09 -1.72 -10.42
N THR D 57 -2.92 -1.90 -11.02
CA THR D 57 -2.17 -0.75 -11.53
C THR D 57 -2.98 -0.20 -12.70
N ARG D 58 -3.51 -1.10 -13.50
CA ARG D 58 -4.32 -0.70 -14.63
C ARG D 58 -5.57 0.02 -14.11
N VAL D 59 -6.13 -0.46 -13.02
CA VAL D 59 -7.32 0.17 -12.46
C VAL D 59 -6.95 1.57 -12.00
N ASN D 60 -5.80 1.68 -11.34
CA ASN D 60 -5.34 2.98 -10.88
C ASN D 60 -5.33 3.97 -12.02
N ASP D 61 -4.69 3.59 -13.12
CA ASP D 61 -4.57 4.45 -14.28
C ASP D 61 -5.92 4.82 -14.89
N ARG D 62 -6.82 3.85 -14.95
CA ARG D 62 -8.14 4.10 -15.49
C ARG D 62 -8.92 5.14 -14.70
N VAL D 63 -8.93 4.99 -13.38
CA VAL D 63 -9.62 5.92 -12.51
C VAL D 63 -8.95 7.28 -12.60
N ALA D 64 -7.62 7.27 -12.70
CA ALA D 64 -6.84 8.50 -12.78
C ALA D 64 -7.23 9.28 -14.02
N ARG D 65 -7.28 8.60 -15.15
CA ARG D 65 -7.63 9.25 -16.40
C ARG D 65 -9.15 9.35 -16.56
N HIS D 66 -9.70 8.59 -17.49
CA HIS D 66 -11.13 8.56 -17.78
C HIS D 66 -12.09 9.46 -16.98
N PHE D 67 -12.05 9.36 -15.65
CA PHE D 67 -12.96 10.15 -14.82
C PHE D 67 -12.60 11.56 -14.35
N GLU D 68 -13.65 12.33 -14.09
CA GLU D 68 -13.58 13.70 -13.57
C GLU D 68 -14.98 14.11 -13.12
N SER D 69 -15.14 14.34 -11.82
CA SER D 69 -16.43 14.71 -11.23
C SER D 69 -17.00 16.04 -11.72
N GLN D 70 -18.26 16.00 -12.15
CA GLN D 70 -18.94 17.19 -12.64
C GLN D 70 -19.99 17.61 -11.61
N SER D 71 -19.82 18.84 -11.11
CA SER D 71 -20.74 19.40 -10.12
C SER D 71 -20.79 20.91 -10.31
N ASP D 72 -21.94 21.51 -9.98
CA ASP D 72 -22.09 22.95 -10.14
C ASP D 72 -21.69 23.69 -8.86
N ASP D 73 -20.59 23.24 -8.26
CA ASP D 73 -20.06 23.82 -7.05
C ASP D 73 -18.53 23.92 -7.19
N PRO D 74 -17.95 25.10 -6.90
CA PRO D 74 -16.50 25.31 -7.00
C PRO D 74 -15.66 24.26 -6.27
N HIS D 75 -16.22 23.75 -5.18
CA HIS D 75 -15.53 22.74 -4.38
C HIS D 75 -15.64 21.34 -4.98
N PHE D 76 -16.81 21.00 -5.48
CA PHE D 76 -17.02 19.67 -6.05
C PHE D 76 -16.91 19.61 -7.57
N HIS D 77 -16.55 20.72 -8.21
CA HIS D 77 -16.47 20.74 -9.68
C HIS D 77 -15.11 20.34 -10.28
N GLU D 78 -15.18 19.38 -11.19
CA GLU D 78 -14.02 18.85 -11.91
C GLU D 78 -12.86 18.33 -11.06
N LYS D 79 -13.18 17.42 -10.15
CA LYS D 79 -12.18 16.82 -9.26
C LYS D 79 -11.72 15.45 -9.73
N LYS D 80 -10.50 15.10 -9.33
CA LYS D 80 -9.89 13.83 -9.71
C LYS D 80 -9.83 12.81 -8.57
N GLN D 81 -9.48 11.57 -8.92
CA GLN D 81 -9.38 10.50 -7.93
C GLN D 81 -8.34 9.45 -8.32
N ILE D 82 -7.56 8.99 -7.33
CA ILE D 82 -6.55 7.97 -7.55
C ILE D 82 -6.67 6.89 -6.46
N PRO D 83 -6.83 5.62 -6.87
CA PRO D 83 -6.96 4.50 -5.93
C PRO D 83 -5.67 4.31 -5.14
N CYS D 84 -5.67 3.35 -4.23
CA CYS D 84 -4.50 3.13 -3.40
C CYS D 84 -4.37 1.65 -3.04
N VAL D 85 -3.29 1.02 -3.47
CA VAL D 85 -3.07 -0.39 -3.18
C VAL D 85 -2.04 -0.62 -2.10
N VAL D 86 -2.36 -1.50 -1.15
CA VAL D 86 -1.44 -1.85 -0.08
C VAL D 86 -1.24 -3.34 -0.13
N SER D 87 -0.01 -3.74 -0.41
CA SER D 87 0.28 -5.16 -0.51
C SER D 87 1.26 -5.65 0.52
N MET D 88 0.94 -6.81 1.07
CA MET D 88 1.76 -7.48 2.06
C MET D 88 1.98 -8.88 1.47
N LEU D 89 1.63 -9.02 0.19
CA LEU D 89 1.76 -10.30 -0.49
C LEU D 89 3.23 -10.70 -0.58
N THR D 90 3.47 -12.00 -0.62
CA THR D 90 4.83 -12.51 -0.67
C THR D 90 5.07 -13.34 -1.93
N LYS D 91 4.06 -13.40 -2.80
CA LYS D 91 4.13 -14.14 -4.06
C LYS D 91 3.25 -13.41 -5.08
N GLU D 92 3.41 -13.76 -6.35
CA GLU D 92 2.61 -13.15 -7.39
C GLU D 92 1.28 -13.90 -7.42
N LEU D 93 0.19 -13.18 -7.65
CA LEU D 93 -1.13 -13.81 -7.66
C LEU D 93 -1.82 -13.78 -9.02
N TYR D 94 -2.26 -14.96 -9.44
CA TYR D 94 -2.97 -15.13 -10.70
C TYR D 94 -4.23 -15.92 -10.39
N PHE D 95 -5.33 -15.57 -11.05
CA PHE D 95 -6.59 -16.26 -10.82
C PHE D 95 -6.88 -17.41 -11.77
N SER D 96 -5.88 -18.26 -12.02
CA SER D 96 -6.07 -19.41 -12.91
C SER D 96 -4.84 -20.31 -12.89
N GLN D 97 -4.87 -21.36 -13.71
CA GLN D 97 -3.77 -22.32 -13.81
C GLN D 97 -3.37 -22.88 -12.45
C ACE E 1 20.67 -7.94 17.95
O ACE E 1 20.23 -8.73 18.76
CH3 ACE E 1 22.15 -7.62 17.98
N TYR E 2 20.03 -7.70 16.75
CA TYR E 2 18.59 -7.39 16.66
C TYR E 2 18.06 -6.29 17.56
N VAL E 3 17.66 -5.19 16.95
CA VAL E 3 17.13 -4.03 17.63
C VAL E 3 15.88 -3.59 16.86
N ALA E 4 15.18 -2.57 17.36
CA ALA E 4 13.97 -2.08 16.69
C ALA E 4 14.17 -0.62 16.28
N ASP E 5 13.50 -0.20 15.20
CA ASP E 5 13.60 1.18 14.69
C ASP E 5 12.28 1.93 14.76
C ACE F 1 -23.08 12.81 -10.43
O ACE F 1 -23.23 11.84 -11.16
CH3 ACE F 1 -24.29 13.54 -9.92
N TYR F 2 -21.84 13.17 -9.95
CA TYR F 2 -21.11 12.30 -9.02
C TYR F 2 -21.34 12.69 -7.57
N VAL F 3 -20.99 11.80 -6.65
CA VAL F 3 -21.17 12.05 -5.22
C VAL F 3 -20.04 11.39 -4.43
N ALA F 4 -19.59 12.03 -3.35
CA ALA F 4 -18.50 11.50 -2.53
C ALA F 4 -18.98 10.38 -1.58
N ASP F 5 -18.10 9.43 -1.32
CA ASP F 5 -18.40 8.26 -0.46
C ASP F 5 -17.46 8.18 0.74
#